data_6MUK
#
_entry.id   6MUK
#
_cell.length_a   66.964
_cell.length_b   66.964
_cell.length_c   181.584
_cell.angle_alpha   90.00
_cell.angle_beta   90.00
_cell.angle_gamma   90.00
#
_symmetry.space_group_name_H-M   'P 43 21 2'
#
loop_
_entity.id
_entity.type
_entity.pdbx_description
1 polymer 'Peptidase M23'
2 non-polymer 'ZINC ION'
3 water water
#
_entity_poly.entity_id   1
_entity_poly.type   'polypeptide(L)'
_entity_poly.pdbx_seq_one_letter_code
;GSSTEGTERVRPQRVEQKLPPLSWGGSGVQTAYWVQEAVQPGDSLADVLARSGMARDEIARITEKYGGEADLRHLRADQS
VHVLVGGDGSAREVQFFTDEDGERNLVALEKKGGIWRRSASDADMKVLPTLRSVVVKTSARGSLARAEVPVEIRESLSGI
FAGRFSLDGLKEGDAVRLLYDSLYFHGQQVAAGDILAAEVVKGGTTHQAFYYRSDKEGGGGGNYYDEDGRVLQEKGGFNI
EPLVYTRISSPFGYRMHPILHTWRLHTGIDYAAPQGTPVRASADGVITFKGRKGGYGNAVMIRHANGVETLYAHLSAFSQ
AQGNVRGGEVIGFVGSTGRSTGPHLHYEARINGQPVNPVSVALPTPELTQADKAAFAAQKQKADALLARLRGIPVTVSQS
D
;
_entity_poly.pdbx_strand_id   A
#
# COMPACT_ATOMS: atom_id res chain seq x y z
N ALA A 32 -27.91 8.61 15.87
CA ALA A 32 -26.67 8.83 15.05
C ALA A 32 -26.29 7.53 14.33
N TYR A 33 -25.91 7.63 13.06
CA TYR A 33 -25.49 6.43 12.29
C TYR A 33 -24.53 6.83 11.17
N TRP A 34 -23.71 5.87 10.72
CA TRP A 34 -22.75 6.12 9.61
C TRP A 34 -23.36 5.76 8.26
N VAL A 35 -22.88 6.44 7.24
CA VAL A 35 -23.22 6.13 5.83
C VAL A 35 -21.90 6.20 5.05
N GLN A 36 -21.76 5.33 4.06
CA GLN A 36 -20.57 5.31 3.19
C GLN A 36 -21.09 5.52 1.77
N GLU A 37 -20.58 6.53 1.07
CA GLU A 37 -21.05 6.79 -0.32
C GLU A 37 -19.83 6.62 -1.23
N ALA A 38 -19.92 5.67 -2.16
CA ALA A 38 -18.83 5.33 -3.10
C ALA A 38 -18.52 6.55 -3.97
N VAL A 39 -17.22 6.83 -4.14
CA VAL A 39 -16.76 7.95 -5.00
C VAL A 39 -16.75 7.41 -6.44
N GLN A 40 -17.46 8.08 -7.34
CA GLN A 40 -17.49 7.69 -8.78
C GLN A 40 -16.49 8.57 -9.52
N PRO A 41 -15.92 8.10 -10.64
CA PRO A 41 -15.00 8.91 -11.44
C PRO A 41 -15.60 10.29 -11.73
N GLY A 42 -14.80 11.35 -11.61
CA GLY A 42 -15.21 12.74 -11.92
C GLY A 42 -15.90 13.42 -10.75
N ASP A 43 -16.25 12.68 -9.70
CA ASP A 43 -16.94 13.24 -8.50
C ASP A 43 -16.05 14.24 -7.75
N SER A 44 -16.67 15.34 -7.31
CA SER A 44 -15.99 16.26 -6.37
C SER A 44 -16.44 15.81 -4.98
N LEU A 45 -15.80 16.30 -3.91
CA LEU A 45 -16.32 15.96 -2.56
C LEU A 45 -17.80 16.33 -2.50
N ALA A 46 -18.16 17.50 -3.07
CA ALA A 46 -19.54 18.03 -3.03
C ALA A 46 -20.53 17.03 -3.67
N ASP A 47 -20.18 16.52 -4.84
CA ASP A 47 -21.01 15.54 -5.58
C ASP A 47 -21.32 14.34 -4.68
N VAL A 48 -20.29 13.77 -4.04
CA VAL A 48 -20.49 12.57 -3.18
C VAL A 48 -21.35 12.98 -1.99
N LEU A 49 -20.95 14.02 -1.26
CA LEU A 49 -21.73 14.47 -0.07
C LEU A 49 -23.18 14.75 -0.50
N ALA A 50 -23.38 15.49 -1.59
CA ALA A 50 -24.73 15.76 -2.10
C ALA A 50 -25.50 14.44 -2.29
N ARG A 51 -24.88 13.45 -2.95
CA ARG A 51 -25.51 12.13 -3.25
C ARG A 51 -25.77 11.35 -1.96
N SER A 52 -25.09 11.68 -0.86
CA SER A 52 -25.33 10.96 0.41
C SER A 52 -26.45 11.65 1.20
N GLY A 53 -27.07 12.68 0.59
CA GLY A 53 -28.22 13.38 1.20
C GLY A 53 -27.82 14.53 2.11
N MET A 54 -26.56 14.95 2.12
CA MET A 54 -26.14 16.09 2.99
C MET A 54 -26.59 17.41 2.35
N ALA A 55 -27.07 18.36 3.16
CA ALA A 55 -27.58 19.68 2.69
C ALA A 55 -26.47 20.48 2.00
N ARG A 56 -26.85 21.26 0.98
CA ARG A 56 -25.91 22.09 0.18
C ARG A 56 -25.17 23.09 1.08
N ASP A 57 -25.88 23.68 2.05
CA ASP A 57 -25.31 24.65 3.02
C ASP A 57 -24.13 23.99 3.75
N GLU A 58 -24.34 22.78 4.27
CA GLU A 58 -23.30 22.02 4.99
C GLU A 58 -22.09 21.78 4.07
N ILE A 59 -22.36 21.36 2.82
CA ILE A 59 -21.29 21.06 1.82
C ILE A 59 -20.42 22.32 1.64
N ALA A 60 -21.07 23.47 1.44
CA ALA A 60 -20.37 24.77 1.24
C ALA A 60 -19.39 25.03 2.39
N ARG A 61 -19.87 24.88 3.62
CA ARG A 61 -19.04 25.12 4.83
C ARG A 61 -17.76 24.28 4.78
N ILE A 62 -17.87 23.01 4.36
CA ILE A 62 -16.69 22.10 4.30
C ILE A 62 -15.76 22.53 3.16
N THR A 63 -16.30 22.78 1.97
CA THR A 63 -15.48 23.15 0.79
C THR A 63 -14.82 24.52 0.99
N GLU A 64 -15.53 25.48 1.59
CA GLU A 64 -14.93 26.82 1.81
C GLU A 64 -13.77 26.72 2.80
N LYS A 65 -13.89 25.88 3.82
CA LYS A 65 -12.86 25.87 4.90
C LYS A 65 -11.62 25.06 4.51
N TYR A 66 -11.77 23.92 3.83
CA TYR A 66 -10.58 23.06 3.58
C TYR A 66 -10.26 22.94 2.08
N GLY A 67 -11.06 23.57 1.22
CA GLY A 67 -10.86 23.53 -0.25
C GLY A 67 -9.54 24.16 -0.68
N GLY A 68 -8.94 24.98 0.19
CA GLY A 68 -7.66 25.66 -0.10
C GLY A 68 -6.46 24.97 0.54
N GLU A 69 -6.66 23.75 1.06
CA GLU A 69 -5.57 22.95 1.70
C GLU A 69 -5.46 21.57 1.06
N ALA A 70 -6.50 21.16 0.32
CA ALA A 70 -6.51 19.85 -0.36
C ALA A 70 -7.46 19.90 -1.56
N ASP A 71 -7.18 19.09 -2.59
CA ASP A 71 -8.03 19.05 -3.81
C ASP A 71 -9.31 18.30 -3.47
N LEU A 72 -10.42 19.02 -3.31
CA LEU A 72 -11.76 18.46 -3.00
C LEU A 72 -12.59 18.45 -4.28
N ARG A 73 -12.03 18.95 -5.39
CA ARG A 73 -12.77 19.08 -6.67
C ARG A 73 -12.62 17.79 -7.50
N HIS A 74 -11.57 17.00 -7.26
CA HIS A 74 -11.37 15.74 -8.01
C HIS A 74 -10.88 14.64 -7.05
N LEU A 75 -11.80 13.85 -6.50
CA LEU A 75 -11.43 12.74 -5.58
C LEU A 75 -11.18 11.46 -6.38
N ARG A 76 -10.32 10.58 -5.88
CA ARG A 76 -10.10 9.27 -6.54
C ARG A 76 -11.28 8.34 -6.20
N ALA A 77 -11.81 7.64 -7.21
CA ALA A 77 -12.94 6.69 -7.06
C ALA A 77 -12.44 5.31 -6.60
N ASP A 78 -11.52 5.27 -5.63
CA ASP A 78 -11.01 4.01 -5.05
C ASP A 78 -11.49 3.92 -3.60
N GLN A 79 -12.60 4.58 -3.29
CA GLN A 79 -13.00 4.66 -1.87
C GLN A 79 -14.46 5.06 -1.73
N SER A 80 -14.89 5.12 -0.48
CA SER A 80 -16.21 5.64 -0.09
C SER A 80 -15.97 6.76 0.91
N VAL A 81 -16.69 7.85 0.74
CA VAL A 81 -16.67 8.95 1.75
C VAL A 81 -17.52 8.44 2.91
N HIS A 82 -17.03 8.60 4.14
CA HIS A 82 -17.82 8.19 5.33
C HIS A 82 -18.40 9.42 6.00
N VAL A 83 -19.67 9.37 6.38
CA VAL A 83 -20.33 10.54 7.03
C VAL A 83 -21.06 10.04 8.29
N LEU A 84 -20.78 10.65 9.43
CA LEU A 84 -21.56 10.30 10.64
C LEU A 84 -22.74 11.29 10.69
N VAL A 85 -23.97 10.77 10.60
CA VAL A 85 -25.16 11.68 10.66
C VAL A 85 -25.85 11.49 12.02
N GLY A 86 -26.12 12.60 12.71
CA GLY A 86 -26.79 12.55 14.02
C GLY A 86 -28.27 12.20 13.90
N GLY A 87 -28.96 12.12 15.04
CA GLY A 87 -30.41 11.80 15.05
C GLY A 87 -31.21 12.83 14.28
N ASP A 88 -30.88 14.12 14.46
CA ASP A 88 -31.58 15.26 13.80
C ASP A 88 -31.50 15.13 12.27
N GLY A 89 -30.39 14.63 11.74
CA GLY A 89 -30.20 14.46 10.29
C GLY A 89 -29.08 15.35 9.75
N SER A 90 -28.29 15.96 10.65
CA SER A 90 -27.14 16.81 10.25
C SER A 90 -25.85 15.99 10.37
N ALA A 91 -24.86 16.33 9.53
CA ALA A 91 -23.56 15.61 9.56
C ALA A 91 -22.78 16.02 10.81
N ARG A 92 -22.14 15.03 11.45
CA ARG A 92 -21.28 15.26 12.64
C ARG A 92 -19.83 15.01 12.27
N GLU A 93 -19.59 14.05 11.36
CA GLU A 93 -18.20 13.73 10.95
C GLU A 93 -18.18 13.27 9.50
N VAL A 94 -17.12 13.62 8.79
N VAL A 94 -17.11 13.61 8.80
CA VAL A 94 -16.88 13.18 7.39
CA VAL A 94 -16.86 13.22 7.39
C VAL A 94 -15.45 12.65 7.31
C VAL A 94 -15.44 12.67 7.29
N GLN A 95 -15.27 11.53 6.61
CA GLN A 95 -13.94 10.89 6.42
C GLN A 95 -13.78 10.63 4.91
N PHE A 96 -12.67 11.07 4.33
CA PHE A 96 -12.38 10.75 2.92
C PHE A 96 -10.89 10.96 2.69
N PHE A 97 -10.38 10.40 1.60
CA PHE A 97 -8.96 10.57 1.23
C PHE A 97 -8.86 11.53 0.05
N THR A 98 -7.85 12.40 0.12
CA THR A 98 -7.45 13.34 -0.94
C THR A 98 -6.14 12.78 -1.46
N ASP A 99 -5.86 13.02 -2.74
CA ASP A 99 -4.64 12.43 -3.34
C ASP A 99 -3.76 13.52 -3.96
N GLU A 100 -2.47 13.29 -3.81
CA GLU A 100 -1.36 14.06 -4.39
C GLU A 100 -0.44 12.97 -4.92
N ASP A 101 0.38 13.30 -5.90
CA ASP A 101 1.31 12.29 -6.46
C ASP A 101 2.24 11.79 -5.35
N GLY A 102 2.15 10.51 -5.00
CA GLY A 102 3.05 9.94 -3.97
C GLY A 102 2.39 9.85 -2.60
N GLU A 103 1.18 10.38 -2.44
CA GLU A 103 0.57 10.25 -1.09
C GLU A 103 -0.94 10.37 -1.13
N ARG A 104 -1.53 9.94 -0.01
CA ARG A 104 -2.99 9.92 0.19
C ARG A 104 -3.19 10.43 1.61
N ASN A 105 -3.93 11.51 1.75
CA ASN A 105 -4.11 12.15 3.09
C ASN A 105 -5.52 11.87 3.55
N LEU A 106 -5.66 11.36 4.77
CA LEU A 106 -7.01 11.12 5.31
C LEU A 106 -7.54 12.46 5.82
N VAL A 107 -8.56 12.97 5.15
CA VAL A 107 -9.22 14.22 5.64
C VAL A 107 -10.33 13.75 6.58
N ALA A 108 -10.14 13.96 7.88
CA ALA A 108 -11.12 13.55 8.91
C ALA A 108 -11.60 14.81 9.62
N LEU A 109 -12.86 15.16 9.40
CA LEU A 109 -13.45 16.38 9.98
C LEU A 109 -14.52 15.99 10.99
N GLU A 110 -14.68 16.82 12.01
CA GLU A 110 -15.76 16.56 13.00
C GLU A 110 -16.21 17.89 13.57
N LYS A 111 -17.50 17.97 13.87
CA LYS A 111 -18.04 19.19 14.50
C LYS A 111 -17.65 19.20 15.98
N LYS A 112 -17.08 20.32 16.42
CA LYS A 112 -16.75 20.61 17.83
C LYS A 112 -17.45 21.94 18.12
N GLY A 113 -18.49 21.89 18.94
CA GLY A 113 -19.32 23.06 19.23
C GLY A 113 -20.07 23.49 17.98
N GLY A 114 -20.32 22.56 17.04
CA GLY A 114 -21.06 22.88 15.80
C GLY A 114 -20.15 23.46 14.71
N ILE A 115 -18.84 23.55 15.01
CA ILE A 115 -17.82 24.11 14.07
C ILE A 115 -16.98 22.96 13.49
N TRP A 116 -16.85 22.91 12.16
CA TRP A 116 -16.01 21.87 11.51
C TRP A 116 -14.55 22.05 11.91
N ARG A 117 -13.96 20.97 12.42
CA ARG A 117 -12.54 20.94 12.84
C ARG A 117 -11.87 19.69 12.26
N ARG A 118 -10.55 19.76 12.10
CA ARG A 118 -9.81 18.55 11.70
C ARG A 118 -9.66 17.66 12.92
N SER A 119 -10.08 16.41 12.81
CA SER A 119 -9.81 15.45 13.90
C SER A 119 -8.31 15.48 14.18
N ALA A 120 -7.89 15.47 15.45
CA ALA A 120 -6.46 15.64 15.78
C ALA A 120 -6.11 14.86 17.04
N SER A 121 -6.79 13.72 17.26
CA SER A 121 -6.54 12.90 18.48
C SER A 121 -5.71 11.66 18.11
N ASP A 122 -4.73 11.33 18.97
CA ASP A 122 -3.91 10.11 18.74
C ASP A 122 -4.75 8.88 19.10
N ALA A 123 -6.01 9.08 19.47
CA ALA A 123 -6.93 7.95 19.78
C ALA A 123 -7.94 7.78 18.63
N ASP A 124 -7.92 8.68 17.63
CA ASP A 124 -8.90 8.62 16.52
C ASP A 124 -8.77 7.32 15.74
N MET A 125 -7.54 6.97 15.34
CA MET A 125 -7.30 5.78 14.50
C MET A 125 -6.90 4.60 15.38
N LYS A 126 -7.44 3.43 15.09
CA LYS A 126 -7.03 2.16 15.75
C LYS A 126 -6.47 1.25 14.66
N VAL A 127 -5.34 0.61 14.92
CA VAL A 127 -4.74 -0.36 13.95
C VAL A 127 -5.02 -1.75 14.51
N LEU A 128 -5.92 -2.49 13.86
CA LEU A 128 -6.42 -3.77 14.41
C LEU A 128 -5.93 -4.94 13.59
N PRO A 129 -5.44 -6.01 14.25
CA PRO A 129 -5.03 -7.21 13.56
C PRO A 129 -6.30 -7.90 13.07
N THR A 130 -6.30 -8.32 11.81
CA THR A 130 -7.43 -8.97 11.14
C THR A 130 -6.95 -10.29 10.54
N LEU A 131 -7.73 -11.34 10.70
CA LEU A 131 -7.38 -12.69 10.22
C LEU A 131 -8.46 -13.13 9.23
N ARG A 132 -8.06 -13.74 8.13
CA ARG A 132 -8.99 -14.23 7.08
C ARG A 132 -8.54 -15.62 6.68
N SER A 133 -9.50 -16.48 6.38
CA SER A 133 -9.17 -17.81 5.84
C SER A 133 -10.13 -17.99 4.68
N VAL A 134 -9.59 -18.06 3.47
CA VAL A 134 -10.42 -18.12 2.24
C VAL A 134 -10.11 -19.42 1.50
N VAL A 135 -11.16 -20.12 1.11
CA VAL A 135 -10.94 -21.32 0.25
C VAL A 135 -11.38 -20.89 -1.15
N VAL A 136 -10.49 -21.04 -2.12
CA VAL A 136 -10.73 -20.63 -3.52
C VAL A 136 -11.87 -21.46 -4.10
N LYS A 137 -12.78 -20.79 -4.82
CA LYS A 137 -13.88 -21.46 -5.54
C LYS A 137 -13.47 -21.53 -7.02
N THR A 138 -13.29 -20.38 -7.69
CA THR A 138 -12.87 -20.34 -9.12
C THR A 138 -11.53 -19.60 -9.27
N SER A 139 -11.35 -18.49 -8.53
CA SER A 139 -10.06 -17.74 -8.62
C SER A 139 -9.69 -17.10 -7.28
N ALA A 140 -8.38 -17.02 -7.02
CA ALA A 140 -7.83 -16.38 -5.81
C ALA A 140 -8.38 -14.96 -5.68
N ARG A 141 -8.10 -14.09 -6.66
CA ARG A 141 -8.52 -12.66 -6.57
C ARG A 141 -10.04 -12.55 -6.37
N GLY A 142 -10.85 -13.32 -7.09
CA GLY A 142 -12.31 -13.24 -6.91
C GLY A 142 -12.71 -13.72 -5.52
N SER A 143 -12.18 -14.86 -5.09
CA SER A 143 -12.53 -15.38 -3.75
C SER A 143 -12.08 -14.39 -2.66
N LEU A 144 -10.89 -13.80 -2.82
CA LEU A 144 -10.39 -12.79 -1.83
C LEU A 144 -11.30 -11.55 -1.86
N ALA A 145 -11.64 -11.08 -3.06
CA ALA A 145 -12.56 -9.95 -3.25
C ALA A 145 -13.89 -10.25 -2.52
N ARG A 146 -14.45 -11.44 -2.76
CA ARG A 146 -15.73 -11.88 -2.11
C ARG A 146 -15.57 -11.79 -0.58
N ALA A 147 -14.42 -12.24 -0.05
CA ALA A 147 -14.20 -12.23 1.42
C ALA A 147 -13.84 -10.82 1.89
N GLU A 148 -14.03 -9.83 1.01
CA GLU A 148 -13.75 -8.42 1.36
C GLU A 148 -12.27 -8.25 1.70
N VAL A 149 -11.39 -9.05 1.12
CA VAL A 149 -9.94 -8.75 1.34
C VAL A 149 -9.64 -7.55 0.44
N PRO A 150 -9.19 -6.42 1.02
CA PRO A 150 -8.92 -5.19 0.26
C PRO A 150 -7.92 -5.40 -0.89
N VAL A 151 -8.06 -4.59 -1.95
CA VAL A 151 -7.16 -4.74 -3.14
C VAL A 151 -5.70 -4.51 -2.68
N GLU A 152 -5.48 -3.66 -1.68
CA GLU A 152 -4.08 -3.42 -1.19
C GLU A 152 -3.46 -4.76 -0.80
N ILE A 153 -4.21 -5.52 -0.01
CA ILE A 153 -3.77 -6.83 0.53
C ILE A 153 -3.68 -7.85 -0.61
N ARG A 154 -4.69 -7.93 -1.47
CA ARG A 154 -4.63 -8.93 -2.58
C ARG A 154 -3.37 -8.75 -3.42
N GLU A 155 -3.08 -7.51 -3.80
CA GLU A 155 -1.90 -7.27 -4.68
C GLU A 155 -0.57 -7.44 -3.90
N SER A 156 -0.51 -7.03 -2.64
CA SER A 156 0.72 -7.27 -1.82
C SER A 156 0.97 -8.77 -1.73
N LEU A 157 -0.07 -9.55 -1.48
CA LEU A 157 0.07 -11.02 -1.34
C LEU A 157 0.72 -11.56 -2.60
N SER A 158 0.21 -11.11 -3.74
CA SER A 158 0.73 -11.56 -5.06
C SER A 158 2.23 -11.26 -5.13
N GLY A 159 2.62 -10.05 -4.71
N GLY A 159 2.58 -10.01 -4.79
CA GLY A 159 4.04 -9.65 -4.77
CA GLY A 159 3.98 -9.55 -4.83
C GLY A 159 4.90 -10.47 -3.82
C GLY A 159 4.87 -10.42 -3.97
N ILE A 160 4.41 -10.74 -2.61
N ILE A 160 4.43 -10.71 -2.75
CA ILE A 160 5.18 -11.43 -1.54
CA ILE A 160 5.23 -11.52 -1.79
C ILE A 160 5.60 -12.84 -1.96
C ILE A 160 5.50 -12.91 -2.40
N PHE A 161 4.68 -13.62 -2.53
N PHE A 161 4.62 -13.39 -3.27
CA PHE A 161 4.96 -15.04 -2.88
CA PHE A 161 4.78 -14.76 -3.86
C PHE A 161 5.49 -15.18 -4.30
C PHE A 161 4.89 -14.72 -5.40
N ALA A 162 5.62 -14.08 -5.04
N ALA A 162 5.11 -13.55 -6.00
CA ALA A 162 6.09 -14.14 -6.46
CA ALA A 162 5.19 -13.46 -7.49
C ALA A 162 7.20 -15.19 -6.64
C ALA A 162 6.32 -14.35 -8.04
N GLY A 163 8.15 -15.26 -5.71
N GLY A 163 7.46 -14.42 -7.35
CA GLY A 163 9.33 -16.15 -5.85
CA GLY A 163 8.63 -15.20 -7.77
C GLY A 163 9.02 -17.62 -5.56
C GLY A 163 8.46 -16.68 -7.47
N ARG A 164 7.86 -17.91 -4.93
N ARG A 164 7.68 -17.01 -6.43
CA ARG A 164 7.48 -19.29 -4.57
CA ARG A 164 7.50 -18.45 -6.09
C ARG A 164 6.37 -19.83 -5.48
C ARG A 164 6.35 -18.99 -6.95
N PHE A 165 5.57 -18.94 -6.09
N PHE A 165 5.17 -18.39 -6.86
CA PHE A 165 4.45 -19.37 -6.99
CA PHE A 165 4.02 -18.87 -7.68
C PHE A 165 3.59 -18.16 -7.39
C PHE A 165 3.13 -17.67 -8.07
N SER A 166 2.83 -18.31 -8.48
N SER A 166 2.20 -17.92 -8.99
CA SER A 166 1.92 -17.24 -8.95
CA SER A 166 1.24 -16.88 -9.43
C SER A 166 0.55 -17.39 -8.27
C SER A 166 -0.07 -17.04 -8.68
N LEU A 167 -0.04 -16.27 -7.87
N LEU A 167 -0.54 -15.97 -8.03
CA LEU A 167 -1.35 -16.23 -7.16
CA LEU A 167 -1.81 -15.99 -7.28
C LEU A 167 -2.50 -16.54 -8.14
C LEU A 167 -2.94 -16.37 -8.26
N ASP A 168 -2.34 -16.20 -9.42
N ASP A 168 -2.69 -16.20 -9.56
CA ASP A 168 -3.41 -16.47 -10.42
CA ASP A 168 -3.67 -16.56 -10.60
C ASP A 168 -3.44 -17.96 -10.76
C ASP A 168 -3.59 -18.07 -10.87
N GLY A 169 -2.47 -18.72 -10.27
N GLY A 169 -2.56 -18.73 -10.33
CA GLY A 169 -2.38 -20.17 -10.55
CA GLY A 169 -2.35 -20.17 -10.53
C GLY A 169 -3.13 -21.02 -9.52
C GLY A 169 -3.10 -21.02 -9.51
N LEU A 170 -3.76 -20.39 -8.53
CA LEU A 170 -4.51 -21.15 -7.49
C LEU A 170 -5.79 -21.71 -8.11
N LYS A 171 -6.22 -22.89 -7.65
CA LYS A 171 -7.45 -23.55 -8.16
C LYS A 171 -8.45 -23.83 -7.03
N GLU A 172 -9.66 -24.24 -7.43
CA GLU A 172 -10.72 -24.66 -6.48
C GLU A 172 -10.07 -25.52 -5.40
N GLY A 173 -10.37 -25.26 -4.13
CA GLY A 173 -9.82 -26.07 -3.02
C GLY A 173 -8.54 -25.46 -2.45
N ASP A 174 -7.79 -24.70 -3.24
CA ASP A 174 -6.57 -24.06 -2.67
C ASP A 174 -7.03 -23.07 -1.60
N ALA A 175 -6.13 -22.70 -0.69
CA ALA A 175 -6.55 -21.85 0.45
C ALA A 175 -5.58 -20.70 0.65
N VAL A 176 -6.13 -19.60 1.15
CA VAL A 176 -5.33 -18.40 1.49
C VAL A 176 -5.73 -17.95 2.89
N ARG A 177 -4.74 -17.84 3.77
CA ARG A 177 -4.93 -17.35 5.15
C ARG A 177 -4.06 -16.11 5.31
N LEU A 178 -4.63 -15.08 5.91
CA LEU A 178 -3.98 -13.76 6.03
C LEU A 178 -4.15 -13.17 7.41
N LEU A 179 -3.06 -12.63 7.95
CA LEU A 179 -3.07 -11.82 9.18
C LEU A 179 -2.54 -10.47 8.74
N TYR A 180 -3.35 -9.43 8.83
CA TYR A 180 -2.87 -8.10 8.41
C TYR A 180 -3.46 -7.02 9.30
N ASP A 181 -2.82 -5.85 9.25
CA ASP A 181 -3.31 -4.67 10.00
C ASP A 181 -4.47 -4.03 9.23
N SER A 182 -5.56 -3.73 9.94
CA SER A 182 -6.72 -3.02 9.33
C SER A 182 -6.89 -1.70 10.09
N LEU A 183 -7.05 -0.58 9.38
CA LEU A 183 -7.08 0.76 10.03
C LEU A 183 -8.52 1.21 10.19
N TYR A 184 -8.89 1.46 11.44
CA TYR A 184 -10.25 1.91 11.81
C TYR A 184 -10.20 3.33 12.36
N PHE A 185 -10.98 4.22 11.76
CA PHE A 185 -11.07 5.62 12.24
C PHE A 185 -12.46 5.81 12.84
N HIS A 186 -12.52 6.05 14.15
CA HIS A 186 -13.79 6.16 14.91
C HIS A 186 -14.71 4.97 14.57
N GLY A 187 -14.17 3.75 14.53
CA GLY A 187 -14.99 2.54 14.32
C GLY A 187 -15.21 2.18 12.86
N GLN A 188 -14.78 3.06 11.94
CA GLN A 188 -15.01 2.81 10.48
C GLN A 188 -13.71 2.33 9.84
N GLN A 189 -13.75 1.19 9.17
CA GLN A 189 -12.55 0.69 8.49
C GLN A 189 -12.26 1.62 7.32
N VAL A 190 -11.08 2.25 7.30
CA VAL A 190 -10.76 3.20 6.20
C VAL A 190 -9.65 2.68 5.30
N ALA A 191 -8.82 1.74 5.76
CA ALA A 191 -7.69 1.29 4.93
C ALA A 191 -7.07 0.01 5.49
N ALA A 192 -6.20 -0.61 4.69
CA ALA A 192 -5.48 -1.83 5.11
C ALA A 192 -4.01 -1.47 5.22
N GLY A 193 -3.37 -2.04 6.22
CA GLY A 193 -1.94 -1.83 6.46
C GLY A 193 -1.15 -3.01 5.94
N ASP A 194 -0.12 -3.36 6.67
CA ASP A 194 0.81 -4.43 6.21
C ASP A 194 0.25 -5.82 6.41
N ILE A 195 0.57 -6.72 5.49
CA ILE A 195 0.39 -8.16 5.76
C ILE A 195 1.44 -8.54 6.83
N LEU A 196 1.01 -9.18 7.91
CA LEU A 196 1.93 -9.62 8.99
C LEU A 196 2.29 -11.08 8.76
N ALA A 197 1.36 -11.86 8.21
CA ALA A 197 1.65 -13.28 7.99
C ALA A 197 0.70 -13.80 6.93
N ALA A 198 1.16 -14.71 6.09
CA ALA A 198 0.28 -15.24 5.03
C ALA A 198 0.63 -16.69 4.81
N GLU A 199 -0.39 -17.48 4.56
CA GLU A 199 -0.21 -18.91 4.22
C GLU A 199 -1.08 -19.18 3.00
N VAL A 200 -0.49 -19.79 1.99
CA VAL A 200 -1.23 -20.22 0.78
C VAL A 200 -0.98 -21.72 0.62
N VAL A 201 -2.05 -22.50 0.56
CA VAL A 201 -1.92 -23.95 0.30
C VAL A 201 -2.30 -24.12 -1.18
N LYS A 202 -1.33 -24.51 -1.99
CA LYS A 202 -1.52 -24.67 -3.46
C LYS A 202 -1.19 -26.11 -3.86
N GLY A 203 -2.16 -26.82 -4.42
CA GLY A 203 -1.99 -28.23 -4.78
C GLY A 203 -1.44 -29.05 -3.61
N GLY A 204 -1.88 -28.75 -2.39
CA GLY A 204 -1.46 -29.51 -1.20
C GLY A 204 -0.13 -29.03 -0.62
N THR A 205 0.53 -28.07 -1.23
CA THR A 205 1.81 -27.56 -0.66
C THR A 205 1.54 -26.27 0.12
N THR A 206 2.00 -26.22 1.37
CA THR A 206 1.85 -24.99 2.21
C THR A 206 3.01 -24.02 1.99
N HIS A 207 2.68 -22.78 1.60
CA HIS A 207 3.66 -21.68 1.46
C HIS A 207 3.35 -20.65 2.54
N GLN A 208 4.37 -20.20 3.28
CA GLN A 208 4.13 -19.21 4.35
C GLN A 208 5.09 -18.03 4.17
N ALA A 209 4.65 -16.85 4.59
CA ALA A 209 5.45 -15.61 4.59
C ALA A 209 5.15 -14.89 5.91
N PHE A 210 6.20 -14.40 6.54
CA PHE A 210 6.04 -13.70 7.83
C PHE A 210 6.78 -12.38 7.74
N TYR A 211 6.13 -11.32 8.19
CA TYR A 211 6.73 -9.98 8.19
C TYR A 211 7.67 -9.90 9.40
N TYR A 212 8.93 -9.53 9.17
CA TYR A 212 9.94 -9.41 10.24
C TYR A 212 10.57 -8.02 10.18
N ARG A 213 10.45 -7.25 11.27
CA ARG A 213 11.03 -5.88 11.33
C ARG A 213 11.98 -5.77 12.52
N SER A 214 13.10 -5.08 12.33
CA SER A 214 14.18 -4.86 13.34
C SER A 214 15.23 -3.90 12.77
N GLY A 219 15.77 3.64 8.45
CA GLY A 219 14.42 3.78 9.04
C GLY A 219 13.36 3.14 8.16
N GLY A 220 13.68 1.99 7.56
CA GLY A 220 12.72 1.28 6.69
C GLY A 220 11.91 0.24 7.43
N GLY A 221 10.84 -0.24 6.79
CA GLY A 221 9.95 -1.26 7.35
C GLY A 221 10.65 -2.60 7.45
N GLY A 222 9.87 -3.67 7.57
CA GLY A 222 10.47 -5.01 7.68
C GLY A 222 10.73 -5.64 6.33
N ASN A 223 10.69 -6.97 6.32
CA ASN A 223 10.90 -7.82 5.13
C ASN A 223 10.10 -9.09 5.36
N TYR A 224 9.89 -9.86 4.30
CA TYR A 224 9.16 -11.13 4.36
C TYR A 224 10.13 -12.31 4.24
N TYR A 225 9.93 -13.28 5.12
CA TYR A 225 10.74 -14.53 5.14
C TYR A 225 9.78 -15.70 5.25
N ASP A 226 10.25 -16.88 4.90
CA ASP A 226 9.44 -18.11 4.96
C ASP A 226 9.48 -18.62 6.40
N GLU A 227 8.88 -19.77 6.64
CA GLU A 227 8.80 -20.35 8.01
C GLU A 227 10.19 -20.64 8.61
N ASP A 228 11.24 -20.72 7.78
CA ASP A 228 12.62 -21.04 8.27
C ASP A 228 13.46 -19.75 8.36
N GLY A 229 12.83 -18.58 8.13
CA GLY A 229 13.59 -17.32 8.16
C GLY A 229 14.43 -17.14 6.91
N ARG A 230 14.05 -17.82 5.83
CA ARG A 230 14.79 -17.71 4.55
C ARG A 230 14.03 -16.82 3.56
N VAL A 231 14.77 -16.19 2.66
CA VAL A 231 14.20 -15.32 1.61
C VAL A 231 13.23 -16.12 0.72
N LEU A 232 12.10 -15.52 0.36
CA LEU A 232 11.03 -16.09 -0.52
C LEU A 232 11.26 -15.75 -2.00
N GLN A 233 12.10 -14.76 -2.27
CA GLN A 233 12.22 -14.24 -3.67
C GLN A 233 13.03 -15.20 -4.53
N GLU A 234 12.78 -15.13 -5.84
CA GLU A 234 13.52 -15.96 -6.83
C GLU A 234 14.96 -15.44 -6.91
N LYS A 235 15.86 -16.30 -7.42
CA LYS A 235 17.31 -16.02 -7.56
C LYS A 235 17.54 -14.64 -8.19
N GLY A 236 16.87 -14.36 -9.32
CA GLY A 236 17.06 -13.08 -10.04
C GLY A 236 16.02 -12.05 -9.60
N GLY A 237 15.41 -11.39 -10.57
CA GLY A 237 14.36 -10.39 -10.32
C GLY A 237 14.94 -9.12 -9.71
N PHE A 238 14.41 -8.74 -8.53
CA PHE A 238 14.81 -7.49 -7.85
C PHE A 238 15.97 -7.78 -6.91
N ASN A 239 17.19 -7.67 -7.43
CA ASN A 239 18.41 -8.03 -6.68
C ASN A 239 19.15 -6.81 -6.17
N ILE A 240 18.61 -5.60 -6.37
CA ILE A 240 19.36 -4.38 -5.94
C ILE A 240 18.42 -3.29 -5.48
N GLU A 241 18.88 -2.52 -4.50
CA GLU A 241 18.18 -1.27 -4.14
C GLU A 241 18.45 -0.32 -5.31
N PRO A 242 17.53 0.60 -5.62
CA PRO A 242 17.71 1.49 -6.78
C PRO A 242 18.81 2.56 -6.60
N LEU A 243 19.41 2.67 -5.42
CA LEU A 243 20.50 3.66 -5.27
C LEU A 243 21.24 3.42 -3.98
N VAL A 244 22.39 4.09 -3.83
CA VAL A 244 23.20 4.20 -2.59
C VAL A 244 22.62 5.45 -1.91
N TYR A 245 22.07 5.31 -0.69
CA TYR A 245 21.38 6.48 -0.07
C TYR A 245 21.90 6.74 1.34
N THR A 246 21.60 7.95 1.84
CA THR A 246 21.96 8.38 3.22
C THR A 246 21.07 7.62 4.18
N ARG A 247 19.74 7.77 4.03
CA ARG A 247 18.80 7.04 4.90
C ARG A 247 17.39 7.07 4.30
N ILE A 248 16.54 6.14 4.73
CA ILE A 248 15.12 6.13 4.32
C ILE A 248 14.41 7.20 5.17
N SER A 249 13.98 8.30 4.53
CA SER A 249 13.31 9.38 5.31
C SER A 249 11.82 9.08 5.49
N SER A 250 11.28 8.09 4.76
CA SER A 250 9.84 7.81 4.88
C SER A 250 9.54 6.49 4.19
N PRO A 251 9.13 5.43 4.93
CA PRO A 251 8.83 4.14 4.31
C PRO A 251 7.44 4.19 3.70
N PHE A 252 7.07 3.08 3.09
CA PHE A 252 5.72 2.97 2.52
C PHE A 252 4.75 2.78 3.67
N GLY A 253 3.56 3.35 3.60
CA GLY A 253 2.57 2.98 4.61
C GLY A 253 1.88 4.16 5.24
N TYR A 254 0.97 3.85 6.16
CA TYR A 254 0.18 4.86 6.88
C TYR A 254 1.01 5.32 8.06
N ARG A 255 1.14 6.63 8.21
CA ARG A 255 1.85 7.18 9.39
C ARG A 255 0.98 8.27 10.00
N MET A 256 0.96 8.35 11.33
CA MET A 256 0.26 9.42 12.07
C MET A 256 1.25 10.56 12.30
N HIS A 257 0.87 11.80 11.99
CA HIS A 257 1.78 12.95 12.22
C HIS A 257 1.96 13.10 13.73
N PRO A 258 3.21 13.18 14.23
CA PRO A 258 3.48 13.29 15.67
C PRO A 258 2.71 14.34 16.49
N ILE A 259 2.44 15.52 15.91
CA ILE A 259 1.79 16.66 16.64
C ILE A 259 0.33 16.81 16.21
N LEU A 260 0.09 16.81 14.88
CA LEU A 260 -1.25 17.03 14.29
C LEU A 260 -2.12 15.79 14.45
N HIS A 261 -1.48 14.63 14.61
CA HIS A 261 -2.20 13.34 14.75
C HIS A 261 -3.02 13.05 13.48
N THR A 262 -2.68 13.69 12.36
CA THR A 262 -3.36 13.41 11.07
C THR A 262 -2.68 12.19 10.43
N TRP A 263 -3.41 11.50 9.53
CA TRP A 263 -2.92 10.26 8.90
C TRP A 263 -2.65 10.47 7.41
N ARG A 264 -1.55 9.87 6.95
CA ARG A 264 -1.11 9.99 5.54
C ARG A 264 -0.56 8.64 5.06
N LEU A 265 -0.98 8.18 3.88
CA LEU A 265 -0.35 6.99 3.24
C LEU A 265 0.78 7.49 2.33
N HIS A 266 2.00 7.03 2.58
CA HIS A 266 3.14 7.26 1.65
C HIS A 266 3.11 6.07 0.67
N THR A 267 2.90 6.34 -0.61
CA THR A 267 2.68 5.27 -1.64
C THR A 267 4.01 4.69 -2.15
N GLY A 268 5.12 5.04 -1.52
CA GLY A 268 6.43 4.53 -1.92
C GLY A 268 7.43 4.73 -0.81
N ILE A 269 8.71 4.53 -1.10
CA ILE A 269 9.80 4.73 -0.11
C ILE A 269 10.58 5.99 -0.50
N ASP A 270 10.80 6.89 0.46
CA ASP A 270 11.63 8.08 0.19
C ASP A 270 13.04 7.78 0.68
N TYR A 271 13.99 7.70 -0.24
CA TYR A 271 15.41 7.47 0.08
C TYR A 271 16.15 8.80 0.01
N ALA A 272 16.52 9.36 1.16
CA ALA A 272 17.27 10.63 1.16
C ALA A 272 18.68 10.38 0.59
N ALA A 273 19.10 11.20 -0.36
CA ALA A 273 20.44 11.03 -0.97
C ALA A 273 20.85 12.35 -1.59
N PRO A 274 22.17 12.59 -1.76
CA PRO A 274 22.64 13.82 -2.37
C PRO A 274 22.15 13.97 -3.82
N GLN A 275 21.92 15.23 -4.20
CA GLN A 275 21.55 15.66 -5.57
C GLN A 275 22.47 14.98 -6.59
N GLY A 276 21.91 14.40 -7.66
CA GLY A 276 22.74 13.77 -8.71
C GLY A 276 23.13 12.33 -8.41
N THR A 277 22.72 11.78 -7.28
CA THR A 277 23.06 10.37 -6.97
C THR A 277 22.45 9.46 -8.04
N PRO A 278 23.23 8.57 -8.68
CA PRO A 278 22.69 7.67 -9.69
C PRO A 278 21.54 6.79 -9.17
N VAL A 279 20.53 6.64 -10.01
CA VAL A 279 19.32 5.82 -9.71
C VAL A 279 19.31 4.68 -10.73
N ARG A 280 19.14 3.46 -10.24
CA ARG A 280 19.21 2.28 -11.12
C ARG A 280 17.88 1.52 -11.16
N ALA A 281 17.57 0.95 -12.32
CA ALA A 281 16.42 0.04 -12.47
C ALA A 281 16.63 -1.12 -11.50
N SER A 282 15.63 -1.41 -10.68
CA SER A 282 15.73 -2.47 -9.64
C SER A 282 15.69 -3.88 -10.26
N ALA A 283 15.18 -4.00 -11.49
CA ALA A 283 15.09 -5.32 -12.16
C ALA A 283 14.91 -5.10 -13.67
N ASP A 284 15.17 -6.14 -14.47
CA ASP A 284 14.98 -6.01 -15.94
C ASP A 284 13.56 -5.53 -16.20
N GLY A 285 13.36 -4.80 -17.30
CA GLY A 285 12.02 -4.32 -17.66
C GLY A 285 12.04 -3.45 -18.90
N VAL A 286 10.92 -2.79 -19.19
CA VAL A 286 10.82 -1.84 -20.32
C VAL A 286 10.39 -0.48 -19.76
N ILE A 287 11.10 0.57 -20.14
CA ILE A 287 10.72 1.94 -19.70
C ILE A 287 9.46 2.32 -20.47
N THR A 288 8.40 2.69 -19.75
CA THR A 288 7.09 3.02 -20.34
C THR A 288 6.81 4.51 -20.20
N PHE A 289 7.65 5.21 -19.43
CA PHE A 289 7.44 6.66 -19.27
C PHE A 289 8.75 7.31 -18.81
N LYS A 290 9.03 8.46 -19.38
CA LYS A 290 10.24 9.25 -19.05
C LYS A 290 9.83 10.70 -19.23
N GLY A 291 9.78 11.47 -18.14
CA GLY A 291 9.36 12.88 -18.27
C GLY A 291 8.78 13.41 -16.98
N ARG A 292 8.18 14.60 -17.06
CA ARG A 292 7.54 15.30 -15.93
C ARG A 292 6.21 14.61 -15.64
N LYS A 293 5.94 14.32 -14.37
CA LYS A 293 4.71 13.59 -13.98
C LYS A 293 4.11 14.27 -12.75
N GLY A 294 3.58 15.48 -12.94
CA GLY A 294 2.92 16.24 -11.86
C GLY A 294 3.80 16.40 -10.63
N GLY A 295 3.26 16.06 -9.46
CA GLY A 295 3.98 16.17 -8.16
C GLY A 295 5.15 15.21 -8.08
N TYR A 296 5.22 14.23 -8.97
CA TYR A 296 6.38 13.30 -8.96
C TYR A 296 7.60 13.98 -9.59
N GLY A 297 7.38 15.13 -10.25
CA GLY A 297 8.48 15.83 -10.94
C GLY A 297 9.04 14.96 -12.07
N ASN A 298 10.35 14.97 -12.27
CA ASN A 298 10.97 14.11 -13.31
C ASN A 298 10.83 12.65 -12.84
N ALA A 299 10.26 11.81 -13.70
CA ALA A 299 10.04 10.42 -13.29
C ALA A 299 10.24 9.44 -14.43
N VAL A 300 10.63 8.24 -14.05
CA VAL A 300 10.81 7.09 -14.95
C VAL A 300 9.88 5.97 -14.47
N MET A 301 9.10 5.38 -15.37
N MET A 301 9.12 5.36 -15.38
CA MET A 301 8.26 4.20 -15.02
CA MET A 301 8.27 4.20 -15.03
C MET A 301 8.78 3.01 -15.82
C MET A 301 8.76 2.99 -15.84
N ILE A 302 8.93 1.87 -15.16
CA ILE A 302 9.43 0.62 -15.80
C ILE A 302 8.38 -0.45 -15.62
N ARG A 303 8.04 -1.16 -16.71
CA ARG A 303 7.11 -2.31 -16.60
C ARG A 303 7.97 -3.57 -16.55
N HIS A 304 7.81 -4.35 -15.48
CA HIS A 304 8.50 -5.63 -15.25
C HIS A 304 7.48 -6.76 -15.55
N ALA A 305 7.84 -8.01 -15.25
CA ALA A 305 6.88 -9.13 -15.43
C ALA A 305 5.86 -9.15 -14.28
N ASN A 306 4.82 -9.98 -14.40
CA ASN A 306 3.85 -10.21 -13.29
C ASN A 306 3.04 -8.95 -12.94
N GLY A 307 2.75 -8.10 -13.93
CA GLY A 307 2.00 -6.85 -13.69
C GLY A 307 2.72 -5.94 -12.71
N VAL A 308 4.05 -6.04 -12.59
CA VAL A 308 4.80 -5.19 -11.61
C VAL A 308 5.41 -3.99 -12.35
N GLU A 309 5.19 -2.80 -11.81
CA GLU A 309 5.78 -1.55 -12.32
C GLU A 309 6.60 -0.90 -11.20
N THR A 310 7.70 -0.24 -11.55
CA THR A 310 8.46 0.56 -10.56
C THR A 310 8.51 2.00 -11.11
N LEU A 311 8.40 2.95 -10.19
CA LEU A 311 8.40 4.40 -10.48
C LEU A 311 9.55 5.01 -9.69
N TYR A 312 10.31 5.85 -10.36
CA TYR A 312 11.50 6.55 -9.82
C TYR A 312 11.22 8.04 -9.98
N ALA A 313 10.96 8.73 -8.89
CA ALA A 313 10.47 10.12 -8.99
C ALA A 313 11.40 11.17 -8.35
N HIS A 314 11.13 12.44 -8.69
CA HIS A 314 11.82 13.68 -8.23
C HIS A 314 13.22 13.80 -8.81
N LEU A 315 13.48 13.10 -9.91
CA LEU A 315 14.83 13.07 -10.52
C LEU A 315 15.28 14.48 -10.92
N SER A 316 16.59 14.70 -10.88
CA SER A 316 17.24 15.96 -11.33
C SER A 316 17.51 15.79 -12.83
N ALA A 317 17.76 14.56 -13.24
CA ALA A 317 18.09 14.34 -14.65
C ALA A 317 17.84 12.88 -15.02
N PHE A 318 17.73 12.65 -16.33
CA PHE A 318 17.58 11.28 -16.86
C PHE A 318 18.92 10.79 -17.40
N SER A 319 19.01 9.49 -17.62
CA SER A 319 20.18 8.87 -18.28
C SER A 319 19.75 8.66 -19.73
N GLN A 320 20.57 7.95 -20.51
CA GLN A 320 20.24 7.65 -21.92
C GLN A 320 19.35 6.39 -21.98
N ALA A 321 19.11 5.71 -20.85
CA ALA A 321 18.30 4.47 -20.83
C ALA A 321 16.96 4.73 -21.54
N GLN A 322 16.57 3.80 -22.42
CA GLN A 322 15.30 3.91 -23.18
C GLN A 322 14.87 2.49 -23.55
N GLY A 323 13.57 2.26 -23.73
CA GLY A 323 13.07 0.92 -24.07
C GLY A 323 13.50 -0.14 -23.07
N ASN A 324 14.09 -1.23 -23.55
CA ASN A 324 14.49 -2.35 -22.66
C ASN A 324 15.59 -1.90 -21.72
N VAL A 325 15.45 -2.18 -20.42
CA VAL A 325 16.50 -1.85 -19.41
C VAL A 325 16.85 -3.11 -18.62
N ARG A 326 18.08 -3.17 -18.14
CA ARG A 326 18.57 -4.28 -17.30
C ARG A 326 18.56 -3.86 -15.84
N GLY A 327 18.31 -4.81 -14.92
CA GLY A 327 18.46 -4.46 -13.50
C GLY A 327 19.86 -3.91 -13.29
N GLY A 328 20.00 -2.81 -12.55
CA GLY A 328 21.33 -2.22 -12.31
C GLY A 328 21.69 -1.10 -13.27
N GLU A 329 21.00 -0.99 -14.40
CA GLU A 329 21.24 0.07 -15.42
C GLU A 329 20.81 1.41 -14.82
N VAL A 330 21.65 2.43 -14.95
CA VAL A 330 21.30 3.79 -14.44
C VAL A 330 20.17 4.36 -15.30
N ILE A 331 19.08 4.83 -14.68
N ILE A 331 19.08 4.81 -14.66
CA ILE A 331 17.94 5.39 -15.46
CA ILE A 331 17.89 5.33 -15.39
C ILE A 331 17.80 6.88 -15.19
C ILE A 331 17.67 6.82 -15.06
N GLY A 332 18.46 7.38 -14.14
CA GLY A 332 18.33 8.80 -13.81
C GLY A 332 19.17 9.17 -12.63
N PHE A 333 18.92 10.35 -12.09
CA PHE A 333 19.75 10.87 -10.99
C PHE A 333 18.84 11.57 -9.99
N VAL A 334 19.15 11.41 -8.72
CA VAL A 334 18.31 11.97 -7.62
C VAL A 334 18.19 13.48 -7.79
N GLY A 335 17.01 13.99 -7.50
CA GLY A 335 16.76 15.43 -7.49
C GLY A 335 15.73 15.77 -6.45
N SER A 336 15.16 16.96 -6.59
N SER A 336 15.11 16.94 -6.59
CA SER A 336 14.08 17.48 -5.73
CA SER A 336 14.02 17.37 -5.69
C SER A 336 13.03 18.14 -6.63
C SER A 336 12.91 17.97 -6.55
N THR A 337 12.80 17.54 -7.81
CA THR A 337 11.80 18.09 -8.76
C THR A 337 10.41 17.67 -8.28
N GLY A 338 9.40 18.49 -8.60
CA GLY A 338 8.01 18.21 -8.19
C GLY A 338 7.79 18.57 -6.73
N ARG A 339 6.89 17.85 -6.07
CA ARG A 339 6.55 18.14 -4.65
C ARG A 339 7.63 17.50 -3.79
N SER A 340 8.66 18.29 -3.45
CA SER A 340 9.79 17.75 -2.66
C SER A 340 10.49 18.90 -1.92
N THR A 341 10.83 18.67 -0.66
CA THR A 341 11.58 19.66 0.16
C THR A 341 13.07 19.48 -0.14
N GLY A 342 13.63 18.29 0.15
CA GLY A 342 15.06 18.01 -0.11
C GLY A 342 15.29 16.92 -1.14
N PRO A 343 16.55 16.68 -1.57
CA PRO A 343 16.86 15.64 -2.55
C PRO A 343 16.58 14.23 -2.01
N HIS A 344 15.88 13.46 -2.83
CA HIS A 344 15.53 12.07 -2.44
C HIS A 344 14.90 11.40 -3.66
N LEU A 345 15.04 10.08 -3.68
CA LEU A 345 14.33 9.26 -4.67
C LEU A 345 13.03 8.82 -4.04
N HIS A 346 11.89 9.12 -4.69
CA HIS A 346 10.62 8.47 -4.29
C HIS A 346 10.51 7.21 -5.16
N TYR A 347 10.60 6.04 -4.52
CA TYR A 347 10.58 4.73 -5.22
C TYR A 347 9.25 4.05 -4.95
N GLU A 348 8.52 3.71 -6.01
CA GLU A 348 7.15 3.18 -5.82
C GLU A 348 7.00 1.89 -6.62
N ALA A 349 6.40 0.87 -6.02
CA ALA A 349 6.11 -0.38 -6.74
C ALA A 349 4.60 -0.51 -6.91
N ARG A 350 4.14 -0.88 -8.10
CA ARG A 350 2.70 -1.04 -8.34
C ARG A 350 2.46 -2.43 -8.91
N ILE A 351 1.45 -3.11 -8.37
CA ILE A 351 1.11 -4.46 -8.90
C ILE A 351 -0.30 -4.33 -9.45
N ASN A 352 -0.44 -4.54 -10.75
CA ASN A 352 -1.77 -4.41 -11.41
C ASN A 352 -2.33 -3.02 -11.08
N GLY A 353 -1.46 -2.01 -11.07
CA GLY A 353 -1.85 -0.60 -10.84
C GLY A 353 -1.95 -0.21 -9.37
N GLN A 354 -1.80 -1.16 -8.46
CA GLN A 354 -1.96 -0.84 -7.02
C GLN A 354 -0.60 -0.61 -6.39
N PRO A 355 -0.35 0.56 -5.78
CA PRO A 355 0.91 0.77 -5.06
C PRO A 355 1.02 -0.21 -3.89
N VAL A 356 2.15 -0.92 -3.79
CA VAL A 356 2.40 -1.84 -2.65
C VAL A 356 3.74 -1.50 -1.99
N ASN A 357 3.91 -1.98 -0.76
CA ASN A 357 5.19 -1.82 -0.04
C ASN A 357 6.26 -2.48 -0.89
N PRO A 358 7.28 -1.76 -1.39
CA PRO A 358 8.30 -2.39 -2.22
C PRO A 358 9.17 -3.47 -1.53
N VAL A 359 9.19 -3.51 -0.19
CA VAL A 359 10.09 -4.46 0.55
C VAL A 359 9.75 -5.91 0.20
N SER A 360 10.78 -6.68 -0.10
CA SER A 360 10.64 -8.13 -0.42
C SER A 360 9.72 -8.33 -1.63
N VAL A 361 9.47 -7.29 -2.42
CA VAL A 361 8.57 -7.36 -3.62
C VAL A 361 9.28 -6.71 -4.83
N ALA A 362 9.78 -5.51 -4.64
CA ALA A 362 10.50 -4.84 -5.76
C ALA A 362 11.86 -4.41 -5.19
N LEU A 363 12.31 -5.13 -4.17
CA LEU A 363 13.61 -4.89 -3.49
C LEU A 363 14.16 -6.24 -3.07
N PRO A 364 15.50 -6.41 -3.03
CA PRO A 364 16.08 -7.66 -2.56
C PRO A 364 15.80 -7.78 -1.06
N THR A 365 15.53 -9.00 -0.61
CA THR A 365 15.33 -9.26 0.83
C THR A 365 16.69 -9.63 1.42
N PRO A 366 17.21 -8.88 2.42
CA PRO A 366 18.47 -9.27 3.05
C PRO A 366 18.33 -10.62 3.79
N GLU A 367 19.31 -11.50 3.60
CA GLU A 367 19.32 -12.82 4.31
C GLU A 367 19.48 -12.54 5.81
N LEU A 368 18.83 -13.33 6.65
CA LEU A 368 18.99 -13.15 8.11
C LEU A 368 20.23 -13.88 8.61
N THR A 369 20.91 -13.28 9.58
CA THR A 369 22.01 -13.97 10.31
C THR A 369 21.40 -15.04 11.20
N GLN A 370 22.21 -15.96 11.72
CA GLN A 370 21.66 -17.01 12.60
C GLN A 370 20.95 -16.35 13.80
N ALA A 371 21.49 -15.22 14.30
CA ALA A 371 20.90 -14.47 15.43
C ALA A 371 19.50 -14.00 15.06
N ASP A 372 19.37 -13.34 13.92
CA ASP A 372 18.05 -12.84 13.46
C ASP A 372 17.09 -14.03 13.26
N LYS A 373 17.57 -15.15 12.70
CA LYS A 373 16.71 -16.35 12.47
C LYS A 373 16.05 -16.77 13.79
N ALA A 374 16.81 -16.72 14.89
CA ALA A 374 16.30 -17.06 16.24
C ALA A 374 15.22 -16.06 16.67
N ALA A 375 15.53 -14.76 16.63
CA ALA A 375 14.56 -13.68 16.98
C ALA A 375 13.30 -13.78 16.10
N PHE A 376 13.50 -14.17 14.83
CA PHE A 376 12.39 -14.34 13.85
C PHE A 376 11.50 -15.51 14.25
N ALA A 377 12.11 -16.68 14.55
CA ALA A 377 11.35 -17.89 14.94
C ALA A 377 10.44 -17.59 16.14
N ALA A 378 10.98 -16.82 17.09
CA ALA A 378 10.24 -16.48 18.32
C ALA A 378 9.08 -15.55 17.97
N GLN A 379 9.36 -14.49 17.22
CA GLN A 379 8.37 -13.46 16.83
C GLN A 379 7.27 -14.05 15.93
N LYS A 380 7.54 -15.13 15.19
CA LYS A 380 6.49 -15.62 14.26
C LYS A 380 5.55 -16.64 14.94
N GLN A 381 5.88 -17.12 16.15
CA GLN A 381 5.07 -18.17 16.82
C GLN A 381 3.63 -17.71 16.98
N LYS A 382 3.39 -16.46 17.38
CA LYS A 382 1.99 -15.98 17.55
C LYS A 382 1.26 -16.08 16.21
N ALA A 383 1.81 -15.49 15.15
CA ALA A 383 1.14 -15.52 13.83
C ALA A 383 0.93 -16.96 13.34
N ASP A 384 1.94 -17.82 13.52
CA ASP A 384 1.86 -19.24 13.08
C ASP A 384 0.69 -19.95 13.79
N ALA A 385 0.54 -19.75 15.09
CA ALA A 385 -0.58 -20.37 15.84
C ALA A 385 -1.92 -19.99 15.19
N LEU A 386 -2.10 -18.72 14.83
CA LEU A 386 -3.37 -18.29 14.22
C LEU A 386 -3.61 -18.97 12.86
N LEU A 387 -2.61 -18.91 11.97
CA LEU A 387 -2.75 -19.55 10.64
C LEU A 387 -3.06 -21.04 10.83
N ALA A 388 -2.29 -21.71 11.70
CA ALA A 388 -2.45 -23.14 11.99
C ALA A 388 -3.88 -23.44 12.45
N ARG A 389 -4.45 -22.63 13.34
CA ARG A 389 -5.81 -22.93 13.84
C ARG A 389 -6.82 -22.92 12.70
N LEU A 390 -6.72 -21.99 11.74
CA LEU A 390 -7.73 -21.90 10.65
C LEU A 390 -7.48 -22.97 9.57
N ARG A 391 -6.28 -23.56 9.57
CA ARG A 391 -5.91 -24.62 8.59
C ARG A 391 -6.89 -25.79 8.75
N GLY A 392 -7.25 -26.11 9.99
CA GLY A 392 -8.17 -27.22 10.33
C GLY A 392 -9.61 -26.95 9.91
N ILE A 393 -9.88 -25.84 9.22
CA ILE A 393 -11.27 -25.52 8.76
C ILE A 393 -11.30 -25.67 7.24
N PRO A 394 -12.18 -26.54 6.70
CA PRO A 394 -12.20 -26.85 5.26
C PRO A 394 -12.93 -25.88 4.31
N VAL A 395 -13.48 -24.78 4.85
CA VAL A 395 -14.20 -23.77 4.02
C VAL A 395 -13.73 -22.38 4.46
N THR A 396 -14.09 -21.36 3.69
CA THR A 396 -13.81 -19.94 4.05
C THR A 396 -14.43 -19.67 5.44
N VAL A 397 -13.67 -19.06 6.34
CA VAL A 397 -14.19 -18.69 7.70
C VAL A 397 -15.00 -17.39 7.56
N SER A 398 -16.27 -17.39 7.97
CA SER A 398 -17.18 -16.22 7.82
C SER A 398 -18.44 -16.35 8.69
#